data_9AVH
#
_entry.id   9AVH
#
_cell.length_a   56.035
_cell.length_b   82.746
_cell.length_c   116.837
_cell.angle_alpha   90.000
_cell.angle_beta   90.000
_cell.angle_gamma   90.000
#
_symmetry.space_group_name_H-M   'P 21 21 21'
#
loop_
_entity.id
_entity.type
_entity.pdbx_description
1 polymer 'Aryl Alcohol Oxidase'
2 non-polymer 'FLAVIN-ADENINE DINUCLEOTIDE'
3 non-polymer '4-METHOXYBENZOIC ACID'
4 non-polymer GLYCEROL
5 non-polymer 'SULFATE ION'
6 water water
#
_entity_poly.entity_id   1
_entity_poly.type   'polypeptide(L)'
_entity_poly.pdbx_seq_one_letter_code
;MVTFFTDASQLPATVYDFIVVGAGNAGNVVAARLTEDWKTTVLLIEAGISHEGIDSVAVPGLVLDNLPFSPVMWNYTTVP
QAALDNRPIPYAKGRVVGGSSSVNFMEYTRSSNTEYDRWANLTGDAGWSWKNMEQYYLKNSRLVPPQDGHNTTGDVDPSV
HGYGPVPLSLVGTPNPLDARMRAATQAPGAEFPFQLDMNGGDMIGFGIVQSTILNGERMHSGKAFLEPAMSRPNLHVLIE
NTVTRLIQTKTTNGLPSFMKVEFARDALSARSVVTATKEVVLSAGSIGTPQILMLSGIGDREELTAIGVNVTVDNPAVGK
HLKDHPIMANYFQVNSNETYDDIFRDRDVSNTFLAQWKQNRTGPMVASPSTGLGFFRLPDNDTIFERFADPSPGEGAGHI
ELILSNQWTPEVQIPPATGSFLTVHAVVVSPASEGTVRLNSTNPFEFPLLDPQLLSSEFDQHTIIHAARLARQFVSSSPW
ADFVESRTGIIGDTDDDEADLLAAARQATVTIWHPMCTARMAPKGSTDGAIDPDLLVKGVSGLRVIDGAALPAIPATHPM
AAIYLLAERGSDLIKQKWKL
;
_entity_poly.pdbx_strand_id   A
#
loop_
_chem_comp.id
_chem_comp.type
_chem_comp.name
_chem_comp.formula
ANN non-polymer '4-METHOXYBENZOIC ACID' 'C8 H8 O3'
FAD non-polymer 'FLAVIN-ADENINE DINUCLEOTIDE' 'C27 H33 N9 O15 P2'
GOL non-polymer GLYCEROL 'C3 H8 O3'
SO4 non-polymer 'SULFATE ION' 'O4 S -2'
#
# COMPACT_ATOMS: atom_id res chain seq x y z
N THR A 3 -14.29 8.57 -19.95
CA THR A 3 -14.58 9.86 -19.27
C THR A 3 -15.51 9.64 -18.07
N PHE A 4 -15.43 10.59 -17.14
CA PHE A 4 -16.02 10.51 -15.82
C PHE A 4 -16.93 11.70 -15.64
N PHE A 5 -17.87 11.66 -14.71
CA PHE A 5 -18.55 12.89 -14.32
C PHE A 5 -17.64 13.71 -13.42
N THR A 6 -17.76 15.05 -13.46
CA THR A 6 -16.95 15.94 -12.61
C THR A 6 -17.82 16.80 -11.71
N ASP A 7 -19.14 16.72 -11.85
CA ASP A 7 -20.05 17.52 -11.05
C ASP A 7 -21.38 16.79 -10.86
N ALA A 8 -21.95 17.03 -9.67
CA ALA A 8 -23.18 16.41 -9.22
C ALA A 8 -24.32 16.65 -10.21
N SER A 9 -24.30 17.81 -10.88
CA SER A 9 -25.37 18.21 -11.79
C SER A 9 -25.39 17.32 -13.03
N GLN A 10 -24.31 16.58 -13.29
CA GLN A 10 -24.25 15.67 -14.44
C GLN A 10 -24.82 14.29 -14.11
N LEU A 11 -25.04 13.94 -12.84
CA LEU A 11 -25.37 12.56 -12.49
C LEU A 11 -26.77 12.21 -13.00
N PRO A 12 -27.05 10.94 -13.35
CA PRO A 12 -28.40 10.59 -13.79
C PRO A 12 -29.42 10.41 -12.67
N ALA A 13 -28.96 10.32 -11.41
CA ALA A 13 -29.78 10.05 -10.24
C ALA A 13 -29.11 10.63 -9.00
N THR A 14 -29.89 10.72 -7.90
CA THR A 14 -29.34 11.08 -6.60
C THR A 14 -29.48 9.92 -5.62
N VAL A 15 -30.01 8.78 -6.09
CA VAL A 15 -30.22 7.60 -5.28
C VAL A 15 -29.65 6.38 -6.01
N TYR A 16 -28.89 5.57 -5.30
CA TYR A 16 -28.19 4.42 -5.83
C TYR A 16 -28.27 3.30 -4.81
N ASP A 17 -28.12 2.04 -5.28
CA ASP A 17 -28.08 0.91 -4.38
C ASP A 17 -26.89 1.06 -3.43
N PHE A 18 -25.72 1.30 -4.00
CA PHE A 18 -24.50 1.46 -3.21
C PHE A 18 -23.78 2.74 -3.62
N ILE A 19 -23.17 3.38 -2.63
CA ILE A 19 -22.20 4.43 -2.88
C ILE A 19 -20.86 3.96 -2.32
N VAL A 20 -19.85 4.00 -3.19
CA VAL A 20 -18.47 3.66 -2.79
C VAL A 20 -17.67 4.94 -2.84
N VAL A 21 -16.98 5.23 -1.73
CA VAL A 21 -16.19 6.42 -1.64
C VAL A 21 -14.72 6.04 -1.80
N GLY A 22 -14.08 6.49 -2.88
CA GLY A 22 -12.65 6.28 -3.09
C GLY A 22 -12.41 5.29 -4.22
N ALA A 23 -12.01 5.81 -5.40
CA ALA A 23 -11.74 4.99 -6.58
C ALA A 23 -10.30 4.51 -6.56
N GLY A 24 -9.93 3.84 -5.46
CA GLY A 24 -8.55 3.49 -5.21
C GLY A 24 -8.33 2.00 -5.35
N ASN A 25 -7.32 1.53 -4.62
CA ASN A 25 -6.85 0.15 -4.70
C ASN A 25 -8.02 -0.81 -4.43
N ALA A 26 -8.75 -0.56 -3.33
CA ALA A 26 -9.88 -1.41 -2.93
C ALA A 26 -11.19 -0.96 -3.56
N GLY A 27 -11.39 0.35 -3.63
CA GLY A 27 -12.70 0.88 -4.00
C GLY A 27 -13.07 0.49 -5.42
N ASN A 28 -12.07 0.46 -6.30
CA ASN A 28 -12.36 0.10 -7.69
C ASN A 28 -12.75 -1.38 -7.78
N VAL A 29 -12.13 -2.23 -6.96
CA VAL A 29 -12.53 -3.64 -6.85
C VAL A 29 -14.02 -3.71 -6.48
N VAL A 30 -14.38 -2.99 -5.41
CA VAL A 30 -15.77 -3.05 -4.95
C VAL A 30 -16.72 -2.58 -6.04
N ALA A 31 -16.45 -1.42 -6.66
CA ALA A 31 -17.38 -0.86 -7.65
C ALA A 31 -17.54 -1.81 -8.85
N ALA A 32 -16.43 -2.42 -9.29
CA ALA A 32 -16.47 -3.34 -10.41
C ALA A 32 -17.16 -4.64 -10.02
N ARG A 33 -16.82 -5.21 -8.86
CA ARG A 33 -17.42 -6.49 -8.46
C ARG A 33 -18.92 -6.35 -8.28
N LEU A 34 -19.35 -5.27 -7.61
CA LEU A 34 -20.76 -5.12 -7.29
C LEU A 34 -21.61 -4.88 -8.54
N THR A 35 -21.03 -4.32 -9.61
CA THR A 35 -21.82 -4.00 -10.79
C THR A 35 -21.85 -5.15 -11.81
N GLU A 36 -21.24 -6.30 -11.49
CA GLU A 36 -21.11 -7.42 -12.42
C GLU A 36 -22.45 -8.04 -12.83
N ASP A 37 -23.51 -7.81 -12.06
CA ASP A 37 -24.84 -8.32 -12.40
C ASP A 37 -25.56 -7.48 -13.45
N TRP A 38 -24.96 -6.34 -13.84
CA TRP A 38 -25.53 -5.39 -14.76
C TRP A 38 -26.86 -4.85 -14.29
N LYS A 39 -27.14 -4.87 -12.98
CA LYS A 39 -28.38 -4.40 -12.41
C LYS A 39 -28.13 -3.49 -11.19
N THR A 40 -27.22 -3.90 -10.31
CA THR A 40 -26.99 -3.20 -9.04
C THR A 40 -26.38 -1.83 -9.34
N THR A 41 -26.95 -0.75 -8.82
CA THR A 41 -26.47 0.59 -9.14
C THR A 41 -25.46 1.02 -8.09
N VAL A 42 -24.36 1.55 -8.61
CA VAL A 42 -23.25 2.02 -7.83
C VAL A 42 -22.82 3.40 -8.35
N LEU A 43 -22.68 4.32 -7.41
CA LEU A 43 -21.98 5.57 -7.60
C LEU A 43 -20.65 5.47 -6.85
N LEU A 44 -19.58 5.69 -7.59
CA LEU A 44 -18.22 5.73 -7.09
C LEU A 44 -17.78 7.20 -7.10
N ILE A 45 -17.43 7.71 -5.93
CA ILE A 45 -17.02 9.09 -5.74
C ILE A 45 -15.53 9.13 -5.39
N GLU A 46 -14.81 9.91 -6.17
CA GLU A 46 -13.34 10.03 -6.04
C GLU A 46 -12.94 11.51 -5.98
N ALA A 47 -12.04 11.81 -5.02
CA ALA A 47 -11.58 13.17 -4.78
C ALA A 47 -10.71 13.68 -5.92
N GLY A 48 -9.94 12.77 -6.53
CA GLY A 48 -8.85 13.14 -7.44
C GLY A 48 -9.27 13.18 -8.91
N ILE A 49 -8.24 13.28 -9.75
CA ILE A 49 -8.39 13.46 -11.19
C ILE A 49 -8.39 12.10 -11.90
N SER A 50 -8.74 12.15 -13.18
CA SER A 50 -8.66 11.02 -14.07
C SER A 50 -7.20 10.62 -14.24
N HIS A 51 -6.94 9.32 -14.38
CA HIS A 51 -5.61 8.82 -14.70
C HIS A 51 -5.26 8.93 -16.19
N GLU A 52 -6.27 9.28 -17.00
CA GLU A 52 -6.14 9.13 -18.45
C GLU A 52 -5.12 10.10 -18.99
N GLY A 53 -4.22 9.58 -19.83
CA GLY A 53 -3.27 10.42 -20.55
C GLY A 53 -2.07 10.83 -19.70
N ILE A 54 -1.91 10.31 -18.47
CA ILE A 54 -0.83 10.76 -17.61
C ILE A 54 0.30 9.75 -17.75
N ASP A 55 1.42 10.16 -18.37
CA ASP A 55 2.52 9.22 -18.60
C ASP A 55 3.12 8.72 -17.28
N SER A 56 3.17 9.60 -16.28
CA SER A 56 3.84 9.24 -15.03
C SER A 56 2.99 8.23 -14.24
N VAL A 57 1.75 7.95 -14.65
CA VAL A 57 0.99 6.84 -14.10
C VAL A 57 1.16 5.59 -14.98
N ALA A 58 1.10 5.72 -16.31
CA ALA A 58 1.04 4.55 -17.21
C ALA A 58 2.41 3.87 -17.30
N VAL A 59 3.46 4.68 -17.21
CA VAL A 59 4.80 4.24 -17.51
C VAL A 59 5.52 3.90 -16.21
N PRO A 60 5.86 2.60 -15.99
CA PRO A 60 6.45 2.17 -14.73
C PRO A 60 7.67 3.00 -14.37
N GLY A 61 8.50 3.26 -15.39
CA GLY A 61 9.78 3.90 -15.17
C GLY A 61 9.69 5.37 -14.75
N LEU A 62 8.50 5.97 -14.86
CA LEU A 62 8.36 7.39 -14.55
C LEU A 62 7.82 7.58 -13.14
N VAL A 63 7.67 6.50 -12.38
CA VAL A 63 6.98 6.54 -11.10
C VAL A 63 7.57 7.59 -10.17
N LEU A 64 8.92 7.76 -10.13
CA LEU A 64 9.49 8.71 -9.17
C LEU A 64 9.12 10.15 -9.50
N ASP A 65 8.68 10.42 -10.74
CA ASP A 65 8.32 11.77 -11.12
C ASP A 65 7.11 12.29 -10.34
N ASN A 66 6.32 11.42 -9.70
CA ASN A 66 5.11 11.88 -9.02
C ASN A 66 5.43 12.32 -7.60
N LEU A 67 6.70 12.15 -7.17
CA LEU A 67 7.10 12.39 -5.80
C LEU A 67 8.13 13.52 -5.81
N PRO A 68 8.15 14.42 -4.79
CA PRO A 68 7.23 14.35 -3.65
C PRO A 68 5.89 15.02 -3.85
N PHE A 69 5.73 15.74 -4.97
CA PHE A 69 4.60 16.63 -5.14
C PHE A 69 4.18 16.54 -6.60
N SER A 70 2.91 16.26 -6.87
CA SER A 70 2.43 16.25 -8.23
C SER A 70 0.92 16.31 -8.23
N PRO A 71 0.28 16.53 -9.38
CA PRO A 71 -1.18 16.56 -9.42
C PRO A 71 -1.86 15.25 -9.01
N VAL A 72 -1.16 14.11 -9.05
CA VAL A 72 -1.81 12.82 -8.81
C VAL A 72 -1.59 12.37 -7.38
N MET A 73 -0.97 13.21 -6.56
CA MET A 73 -0.51 12.79 -5.26
C MET A 73 -1.05 13.74 -4.21
N TRP A 74 -1.55 13.18 -3.11
CA TRP A 74 -1.82 13.95 -1.91
C TRP A 74 -0.52 14.00 -1.10
N ASN A 75 -0.07 15.20 -0.75
CA ASN A 75 1.20 15.35 -0.04
C ASN A 75 0.90 16.02 1.30
N TYR A 76 1.47 15.47 2.35
CA TYR A 76 1.39 16.13 3.63
C TYR A 76 2.59 15.68 4.45
N THR A 77 2.61 16.06 5.72
CA THR A 77 3.71 15.61 6.55
C THR A 77 3.09 15.15 7.87
N THR A 78 3.87 14.35 8.58
CA THR A 78 3.58 13.98 9.94
C THR A 78 3.82 15.17 10.86
N VAL A 79 3.26 15.05 12.06
CA VAL A 79 3.73 15.82 13.18
C VAL A 79 5.20 15.42 13.38
N PRO A 80 5.98 16.22 14.16
CA PRO A 80 7.36 15.85 14.47
C PRO A 80 7.41 14.46 15.08
N GLN A 81 8.33 13.62 14.58
CA GLN A 81 8.41 12.24 15.06
C GLN A 81 9.48 12.15 16.14
N ALA A 82 9.07 11.85 17.37
CA ALA A 82 9.93 11.97 18.54
C ALA A 82 11.15 11.05 18.45
N ALA A 83 11.01 9.87 17.86
CA ALA A 83 12.12 8.93 17.76
C ALA A 83 13.01 9.19 16.54
N LEU A 84 12.59 10.10 15.67
CA LEU A 84 13.36 10.50 14.49
C LEU A 84 13.85 11.95 14.62
N ASP A 85 14.45 12.28 15.77
CA ASP A 85 15.04 13.59 15.98
C ASP A 85 14.02 14.69 15.73
N ASN A 86 12.73 14.41 15.99
CA ASN A 86 11.64 15.37 15.83
C ASN A 86 11.48 15.84 14.38
N ARG A 87 11.91 15.01 13.44
CA ARG A 87 11.68 15.29 12.05
C ARG A 87 10.21 15.12 11.69
N PRO A 88 9.60 16.08 10.97
CA PRO A 88 8.31 15.86 10.32
C PRO A 88 8.64 15.07 9.06
N ILE A 89 7.89 14.01 8.79
CA ILE A 89 8.21 13.11 7.70
C ILE A 89 7.17 13.29 6.60
N PRO A 90 7.59 13.34 5.31
CA PRO A 90 6.63 13.44 4.22
C PRO A 90 5.74 12.20 4.12
N TYR A 91 4.45 12.46 3.85
CA TYR A 91 3.48 11.44 3.56
C TYR A 91 2.93 11.71 2.16
N ALA A 92 2.81 10.64 1.39
CA ALA A 92 2.22 10.69 0.06
C ALA A 92 1.20 9.55 -0.03
N LYS A 93 0.11 9.82 -0.73
CA LYS A 93 -0.81 8.79 -1.15
C LYS A 93 -1.45 9.24 -2.46
N GLY A 94 -2.05 8.28 -3.18
CA GLY A 94 -2.55 8.59 -4.50
C GLY A 94 -3.83 9.44 -4.39
N ARG A 95 -3.96 10.38 -5.32
CA ARG A 95 -5.16 11.20 -5.43
C ARG A 95 -5.59 11.26 -6.89
N VAL A 96 -6.03 10.11 -7.39
CA VAL A 96 -6.23 9.88 -8.80
C VAL A 96 -7.07 8.62 -8.92
N VAL A 97 -7.76 8.43 -10.06
CA VAL A 97 -8.42 7.16 -10.29
C VAL A 97 -7.36 6.06 -10.25
N GLY A 98 -7.64 5.03 -9.43
CA GLY A 98 -6.71 3.97 -9.12
C GLY A 98 -6.11 4.14 -7.72
N GLY A 99 -6.26 5.35 -7.17
CA GLY A 99 -5.72 5.70 -5.89
C GLY A 99 -4.22 5.46 -5.82
N SER A 100 -3.80 4.83 -4.75
CA SER A 100 -2.37 4.62 -4.52
C SER A 100 -1.82 3.53 -5.45
N SER A 101 -2.69 2.69 -6.05
CA SER A 101 -2.24 1.68 -7.00
C SER A 101 -1.79 2.32 -8.32
N SER A 102 -2.21 3.56 -8.59
CA SER A 102 -1.83 4.31 -9.77
C SER A 102 -0.47 4.98 -9.59
N VAL A 103 0.03 5.09 -8.37
CA VAL A 103 1.26 5.82 -8.12
C VAL A 103 2.32 5.02 -7.37
N ASN A 104 1.99 3.77 -7.00
CA ASN A 104 2.84 2.99 -6.13
C ASN A 104 3.93 2.33 -6.95
N PHE A 105 4.77 1.54 -6.30
CA PHE A 105 5.91 0.95 -6.96
C PHE A 105 5.62 -0.42 -7.57
N MET A 106 4.33 -0.77 -7.66
CA MET A 106 3.86 -1.86 -8.49
C MET A 106 4.19 -3.26 -7.97
N GLU A 107 4.67 -3.41 -6.72
CA GLU A 107 5.18 -4.70 -6.28
C GLU A 107 4.04 -5.42 -5.59
N TYR A 108 3.69 -6.61 -6.10
CA TYR A 108 2.57 -7.40 -5.59
C TYR A 108 3.05 -8.60 -4.78
N THR A 109 2.75 -8.56 -3.47
CA THR A 109 3.12 -9.62 -2.56
C THR A 109 1.90 -9.88 -1.66
N ARG A 110 1.27 -11.04 -1.82
CA ARG A 110 0.05 -11.37 -1.10
C ARG A 110 0.34 -11.62 0.37
N SER A 111 1.62 -11.78 0.74
CA SER A 111 2.03 -12.15 2.09
C SER A 111 1.95 -13.66 2.31
N SER A 112 2.47 -14.08 3.47
CA SER A 112 2.50 -15.48 3.85
C SER A 112 1.09 -16.01 4.08
N ASN A 113 0.95 -17.33 4.07
CA ASN A 113 -0.30 -17.96 4.48
C ASN A 113 -0.68 -17.53 5.90
N THR A 114 0.33 -17.38 6.76
CA THR A 114 0.12 -17.02 8.16
C THR A 114 -0.44 -15.61 8.32
N GLU A 115 -0.25 -14.71 7.35
CA GLU A 115 -0.85 -13.40 7.41
C GLU A 115 -2.38 -13.52 7.50
N TYR A 116 -2.98 -14.35 6.66
CA TYR A 116 -4.43 -14.53 6.61
C TYR A 116 -4.86 -15.29 7.86
N ASP A 117 -4.08 -16.27 8.28
CA ASP A 117 -4.37 -16.99 9.50
C ASP A 117 -4.42 -16.06 10.69
N ARG A 118 -3.49 -15.08 10.73
CA ARG A 118 -3.51 -14.07 11.78
C ARG A 118 -4.79 -13.24 11.67
N TRP A 119 -5.25 -12.82 10.48
CA TRP A 119 -6.54 -12.12 10.40
C TRP A 119 -7.66 -12.94 11.07
N ALA A 120 -7.75 -14.22 10.74
CA ALA A 120 -8.68 -15.15 11.37
C ALA A 120 -8.57 -15.16 12.90
N ASN A 121 -7.34 -15.26 13.41
CA ASN A 121 -7.13 -15.34 14.85
C ASN A 121 -7.53 -14.02 15.52
N LEU A 122 -7.23 -12.89 14.90
CA LEU A 122 -7.49 -11.61 15.50
C LEU A 122 -8.98 -11.30 15.48
N THR A 123 -9.68 -11.82 14.48
CA THR A 123 -11.09 -11.49 14.32
C THR A 123 -12.01 -12.56 14.92
N GLY A 124 -11.48 -13.74 15.20
CA GLY A 124 -12.27 -14.92 15.51
C GLY A 124 -13.06 -15.47 14.33
N ASP A 125 -12.74 -15.06 13.09
CA ASP A 125 -13.53 -15.44 11.94
C ASP A 125 -12.67 -16.21 10.93
N ALA A 126 -12.98 -17.49 10.73
CA ALA A 126 -12.15 -18.37 9.92
C ALA A 126 -12.31 -18.08 8.42
N GLY A 127 -13.32 -17.27 8.05
CA GLY A 127 -13.46 -16.79 6.69
C GLY A 127 -12.27 -15.97 6.21
N TRP A 128 -11.43 -15.45 7.12
CA TRP A 128 -10.27 -14.68 6.74
C TRP A 128 -9.02 -15.56 6.73
N SER A 129 -9.15 -16.83 7.12
CA SER A 129 -7.99 -17.73 7.13
C SER A 129 -7.48 -17.96 5.71
N TRP A 130 -6.21 -18.41 5.58
CA TRP A 130 -5.69 -18.70 4.24
C TRP A 130 -6.52 -19.76 3.53
N LYS A 131 -6.99 -20.77 4.26
CA LYS A 131 -7.81 -21.82 3.67
C LYS A 131 -8.94 -21.22 2.86
N ASN A 132 -9.59 -20.20 3.42
CA ASN A 132 -10.74 -19.58 2.77
C ASN A 132 -10.37 -18.42 1.84
N MET A 133 -9.18 -17.82 2.03
CA MET A 133 -8.76 -16.65 1.27
C MET A 133 -8.06 -17.02 -0.03
N GLU A 134 -7.57 -18.26 -0.16
CA GLU A 134 -6.84 -18.62 -1.36
C GLU A 134 -7.70 -18.41 -2.61
N GLN A 135 -9.02 -18.67 -2.51
CA GLN A 135 -9.89 -18.49 -3.65
C GLN A 135 -9.87 -17.04 -4.15
N TYR A 136 -9.73 -16.08 -3.21
CA TYR A 136 -9.78 -14.66 -3.54
C TYR A 136 -8.46 -14.20 -4.13
N TYR A 137 -7.34 -14.81 -3.68
CA TYR A 137 -6.08 -14.59 -4.35
C TYR A 137 -6.11 -15.05 -5.81
N LEU A 138 -6.62 -16.25 -6.07
CA LEU A 138 -6.58 -16.79 -7.41
C LEU A 138 -7.51 -16.01 -8.33
N LYS A 139 -8.59 -15.46 -7.74
CA LYS A 139 -9.53 -14.65 -8.47
C LYS A 139 -8.99 -13.26 -8.82
N ASN A 140 -8.02 -12.78 -8.03
CA ASN A 140 -7.54 -11.42 -8.14
C ASN A 140 -6.52 -11.20 -9.25
N SER A 141 -5.53 -12.12 -9.37
CA SER A 141 -4.33 -11.87 -10.15
C SER A 141 -3.95 -13.11 -10.95
N ARG A 142 -3.11 -12.89 -11.96
CA ARG A 142 -2.55 -13.94 -12.78
C ARG A 142 -1.13 -13.57 -13.19
N LEU A 143 -0.33 -14.61 -13.51
CA LEU A 143 1.01 -14.41 -14.01
C LEU A 143 0.99 -14.28 -15.54
N VAL A 144 1.71 -13.29 -16.04
CA VAL A 144 1.86 -13.04 -17.46
C VAL A 144 3.35 -13.02 -17.79
N PRO A 145 3.72 -13.28 -19.06
CA PRO A 145 5.14 -13.29 -19.48
C PRO A 145 5.78 -11.91 -19.37
N PRO A 146 7.11 -11.87 -19.19
CA PRO A 146 7.84 -10.61 -19.20
C PRO A 146 7.75 -10.01 -20.59
N GLN A 147 7.87 -8.69 -20.64
CA GLN A 147 7.75 -7.98 -21.90
C GLN A 147 8.78 -8.47 -22.90
N ASP A 148 10.00 -8.77 -22.45
CA ASP A 148 11.07 -9.15 -23.37
C ASP A 148 11.11 -10.65 -23.65
N GLY A 149 10.21 -11.45 -23.07
CA GLY A 149 10.16 -12.88 -23.32
C GLY A 149 11.36 -13.64 -22.76
N HIS A 150 12.09 -13.10 -21.77
CA HIS A 150 13.25 -13.77 -21.25
C HIS A 150 12.77 -14.99 -20.44
N ASN A 151 13.68 -15.92 -20.22
CA ASN A 151 13.40 -17.19 -19.60
C ASN A 151 13.32 -16.95 -18.10
N THR A 152 12.13 -17.12 -17.49
CA THR A 152 11.96 -16.91 -16.06
C THR A 152 12.03 -18.21 -15.28
N THR A 153 12.48 -19.32 -15.91
CA THR A 153 12.61 -20.58 -15.20
C THR A 153 13.41 -20.36 -13.92
N GLY A 154 12.89 -20.84 -12.80
CA GLY A 154 13.64 -20.78 -11.55
C GLY A 154 13.42 -19.46 -10.78
N ASP A 155 12.64 -18.52 -11.33
CA ASP A 155 12.46 -17.19 -10.72
C ASP A 155 11.01 -16.97 -10.28
N VAL A 156 10.12 -17.92 -10.62
CA VAL A 156 8.71 -17.79 -10.34
C VAL A 156 8.13 -19.20 -10.42
N ASP A 157 6.97 -19.41 -9.80
CA ASP A 157 6.33 -20.72 -9.84
C ASP A 157 4.91 -20.57 -10.37
N PRO A 158 4.67 -20.85 -11.67
CA PRO A 158 3.35 -20.61 -12.26
C PRO A 158 2.25 -21.35 -11.54
N SER A 159 2.57 -22.46 -10.88
CA SER A 159 1.55 -23.23 -10.20
C SER A 159 0.94 -22.51 -8.99
N VAL A 160 1.54 -21.40 -8.50
CA VAL A 160 0.93 -20.73 -7.36
C VAL A 160 0.27 -19.40 -7.75
N HIS A 161 -0.11 -19.25 -9.02
CA HIS A 161 -0.77 -18.06 -9.52
C HIS A 161 -2.12 -18.40 -10.15
N GLY A 162 -3.03 -17.44 -10.11
CA GLY A 162 -4.41 -17.70 -10.51
C GLY A 162 -4.76 -17.12 -11.88
N TYR A 163 -6.01 -16.64 -11.99
CA TYR A 163 -6.62 -16.40 -13.28
C TYR A 163 -7.19 -14.99 -13.35
N GLY A 164 -6.86 -14.14 -12.37
CA GLY A 164 -7.60 -12.90 -12.16
C GLY A 164 -7.08 -11.72 -12.98
N PRO A 165 -7.75 -10.55 -12.87
CA PRO A 165 -7.47 -9.42 -13.74
C PRO A 165 -6.18 -8.66 -13.49
N VAL A 166 -5.63 -8.75 -12.29
CA VAL A 166 -4.41 -8.02 -11.98
C VAL A 166 -3.25 -8.84 -12.55
N PRO A 167 -2.54 -8.36 -13.59
CA PRO A 167 -1.44 -9.12 -14.18
C PRO A 167 -0.13 -8.84 -13.45
N LEU A 168 0.63 -9.91 -13.22
CA LEU A 168 1.93 -9.87 -12.60
C LEU A 168 2.94 -10.39 -13.60
N SER A 169 4.08 -9.70 -13.72
CA SER A 169 5.17 -10.15 -14.56
C SER A 169 6.51 -9.94 -13.85
N LEU A 170 7.49 -10.76 -14.21
CA LEU A 170 8.87 -10.44 -13.91
C LEU A 170 9.34 -9.40 -14.93
N VAL A 171 10.45 -8.73 -14.63
CA VAL A 171 10.80 -7.51 -15.34
C VAL A 171 11.12 -7.78 -16.82
N GLY A 172 10.69 -6.85 -17.66
CA GLY A 172 10.82 -6.95 -19.10
C GLY A 172 12.02 -6.21 -19.68
N THR A 173 13.02 -5.90 -18.86
CA THR A 173 14.24 -5.23 -19.28
C THR A 173 15.27 -5.62 -18.25
N PRO A 174 16.50 -6.02 -18.65
CA PRO A 174 17.46 -6.56 -17.68
C PRO A 174 18.18 -5.53 -16.82
N ASN A 175 18.73 -6.02 -15.72
CA ASN A 175 19.51 -5.23 -14.79
C ASN A 175 20.70 -6.07 -14.36
N PRO A 176 21.73 -5.46 -13.72
CA PRO A 176 22.87 -6.26 -13.27
C PRO A 176 22.71 -6.92 -11.91
N LEU A 177 21.55 -6.75 -11.25
CA LEU A 177 21.39 -7.19 -9.88
C LEU A 177 20.88 -8.64 -9.86
N ASP A 178 19.96 -8.98 -10.77
CA ASP A 178 19.24 -10.24 -10.68
C ASP A 178 20.22 -11.42 -10.65
N ALA A 179 21.22 -11.44 -11.54
CA ALA A 179 22.10 -12.60 -11.63
C ALA A 179 22.99 -12.69 -10.40
N ARG A 180 23.40 -11.54 -9.86
CA ARG A 180 24.20 -11.53 -8.64
C ARG A 180 23.34 -11.98 -7.46
N MET A 181 22.09 -11.55 -7.39
CA MET A 181 21.20 -12.00 -6.34
C MET A 181 21.03 -13.51 -6.38
N ARG A 182 20.79 -14.06 -7.58
CA ARG A 182 20.62 -15.51 -7.72
C ARG A 182 21.87 -16.25 -7.26
N ALA A 183 23.03 -15.78 -7.73
CA ALA A 183 24.30 -16.47 -7.44
C ALA A 183 24.57 -16.45 -5.94
N ALA A 184 24.29 -15.31 -5.28
CA ALA A 184 24.58 -15.15 -3.86
C ALA A 184 23.66 -16.00 -2.98
N THR A 185 22.42 -16.31 -3.47
CA THR A 185 21.37 -16.86 -2.60
C THR A 185 21.07 -18.32 -2.91
N GLN A 186 21.34 -18.75 -4.14
CA GLN A 186 21.09 -20.12 -4.58
C GLN A 186 22.27 -21.03 -4.25
N ALA A 187 23.42 -20.44 -3.95
CA ALA A 187 24.60 -21.22 -3.61
C ALA A 187 24.36 -22.09 -2.36
N PRO A 188 24.92 -23.32 -2.34
CA PRO A 188 24.91 -24.12 -1.11
C PRO A 188 25.53 -23.27 -0.02
N GLY A 189 24.90 -23.30 1.14
CA GLY A 189 25.43 -22.60 2.30
C GLY A 189 25.25 -21.08 2.26
N ALA A 190 24.58 -20.53 1.23
CA ALA A 190 24.33 -19.08 1.19
C ALA A 190 23.76 -18.63 2.53
N GLU A 191 24.27 -17.49 3.02
CA GLU A 191 23.78 -16.91 4.26
C GLU A 191 22.34 -16.45 4.08
N PHE A 192 22.01 -15.91 2.91
CA PHE A 192 20.66 -15.46 2.60
C PHE A 192 20.07 -16.38 1.53
N PRO A 193 19.06 -17.22 1.83
CA PRO A 193 18.55 -18.18 0.85
C PRO A 193 17.77 -17.51 -0.28
N PHE A 194 17.49 -18.30 -1.31
CA PHE A 194 16.69 -17.88 -2.47
C PHE A 194 15.23 -18.30 -2.31
N GLN A 195 14.31 -17.45 -2.79
CA GLN A 195 12.87 -17.75 -2.73
C GLN A 195 12.34 -17.82 -4.15
N LEU A 196 11.96 -19.04 -4.58
CA LEU A 196 11.44 -19.32 -5.92
C LEU A 196 10.20 -18.48 -6.23
N ASP A 197 9.31 -18.35 -5.24
CA ASP A 197 8.07 -17.61 -5.45
C ASP A 197 7.47 -17.18 -4.11
N MET A 198 7.70 -15.91 -3.81
CA MET A 198 7.28 -15.27 -2.58
C MET A 198 5.76 -15.18 -2.50
N ASN A 199 5.06 -15.45 -3.59
CA ASN A 199 3.61 -15.46 -3.57
C ASN A 199 3.08 -16.90 -3.45
N GLY A 200 3.96 -17.85 -3.10
CA GLY A 200 3.50 -19.22 -2.92
C GLY A 200 3.31 -19.64 -1.46
N GLY A 201 3.34 -18.68 -0.51
CA GLY A 201 2.99 -19.02 0.86
C GLY A 201 4.08 -18.77 1.88
N ASP A 202 5.34 -18.87 1.42
CA ASP A 202 6.53 -18.59 2.20
C ASP A 202 7.35 -17.48 1.52
N MET A 203 7.66 -16.42 2.25
CA MET A 203 8.30 -15.27 1.66
C MET A 203 9.80 -15.29 1.95
N ILE A 204 10.24 -16.15 2.87
CA ILE A 204 11.61 -16.06 3.38
C ILE A 204 12.60 -16.29 2.25
N GLY A 205 13.61 -15.40 2.21
CA GLY A 205 14.66 -15.44 1.21
C GLY A 205 14.52 -14.30 0.21
N PHE A 206 15.46 -14.23 -0.72
CA PHE A 206 15.47 -13.25 -1.79
C PHE A 206 14.78 -13.82 -3.03
N GLY A 207 13.78 -13.12 -3.54
CA GLY A 207 13.10 -13.49 -4.78
C GLY A 207 13.10 -12.32 -5.76
N ILE A 208 12.87 -12.66 -7.04
CA ILE A 208 12.77 -11.70 -8.13
C ILE A 208 11.38 -11.08 -8.01
N VAL A 209 11.32 -9.75 -8.02
CA VAL A 209 10.05 -9.08 -7.76
C VAL A 209 9.03 -9.37 -8.88
N GLN A 210 7.74 -9.36 -8.49
CA GLN A 210 6.62 -9.56 -9.40
C GLN A 210 5.78 -8.28 -9.39
N SER A 211 5.64 -7.62 -10.56
CA SER A 211 5.10 -6.28 -10.65
C SER A 211 3.79 -6.26 -11.43
N THR A 212 2.92 -5.26 -11.16
CA THR A 212 1.64 -5.16 -11.83
C THR A 212 1.83 -4.46 -13.18
N ILE A 213 2.47 -5.15 -14.11
CA ILE A 213 2.91 -4.56 -15.38
C ILE A 213 2.65 -5.61 -16.46
N LEU A 214 1.94 -5.18 -17.50
CA LEU A 214 1.61 -5.96 -18.67
C LEU A 214 1.80 -5.08 -19.89
N ASN A 215 2.41 -5.62 -20.94
CA ASN A 215 2.74 -4.85 -22.14
C ASN A 215 3.50 -3.56 -21.77
N GLY A 216 4.41 -3.69 -20.77
CA GLY A 216 5.25 -2.62 -20.29
C GLY A 216 4.50 -1.49 -19.57
N GLU A 217 3.21 -1.66 -19.32
CA GLU A 217 2.36 -0.60 -18.78
C GLU A 217 1.91 -0.95 -17.37
N ARG A 218 1.80 0.05 -16.50
CA ARG A 218 1.22 -0.15 -15.17
C ARG A 218 -0.26 -0.53 -15.25
N MET A 219 -0.62 -1.63 -14.61
CA MET A 219 -2.01 -2.07 -14.59
C MET A 219 -2.52 -1.93 -13.15
N HIS A 220 -2.91 -0.69 -12.84
CA HIS A 220 -3.44 -0.31 -11.55
C HIS A 220 -4.91 -0.69 -11.49
N SER A 221 -5.53 -0.42 -10.34
CA SER A 221 -6.87 -0.91 -10.12
C SER A 221 -7.86 -0.25 -11.07
N GLY A 222 -7.52 0.93 -11.60
CA GLY A 222 -8.37 1.60 -12.58
C GLY A 222 -8.36 0.91 -13.95
N LYS A 223 -7.24 0.25 -14.27
CA LYS A 223 -7.08 -0.53 -15.47
C LYS A 223 -7.66 -1.93 -15.30
N ALA A 224 -7.34 -2.62 -14.19
CA ALA A 224 -7.72 -4.02 -13.94
C ALA A 224 -9.21 -4.16 -13.65
N PHE A 225 -9.78 -3.16 -12.95
CA PHE A 225 -11.13 -3.27 -12.45
C PHE A 225 -12.05 -2.22 -13.07
N LEU A 226 -11.71 -0.93 -12.92
CA LEU A 226 -12.69 0.10 -13.18
C LEU A 226 -12.96 0.29 -14.67
N GLU A 227 -11.91 0.46 -15.49
CA GLU A 227 -12.12 0.76 -16.91
C GLU A 227 -13.02 -0.28 -17.57
N PRO A 228 -12.76 -1.60 -17.44
CA PRO A 228 -13.68 -2.60 -18.00
C PRO A 228 -15.11 -2.48 -17.52
N ALA A 229 -15.32 -2.06 -16.26
CA ALA A 229 -16.65 -2.01 -15.69
C ALA A 229 -17.41 -0.76 -16.13
N MET A 230 -16.70 0.24 -16.65
CA MET A 230 -17.31 1.51 -17.00
C MET A 230 -18.20 1.44 -18.25
N SER A 231 -18.20 0.36 -19.02
CA SER A 231 -19.21 0.25 -20.07
C SER A 231 -20.55 -0.23 -19.51
N ARG A 232 -20.62 -0.52 -18.21
CA ARG A 232 -21.88 -0.99 -17.65
C ARG A 232 -22.82 0.18 -17.40
N PRO A 233 -24.12 0.05 -17.69
CA PRO A 233 -25.04 1.16 -17.45
C PRO A 233 -25.31 1.47 -15.98
N ASN A 234 -25.02 0.49 -15.13
CA ASN A 234 -25.37 0.51 -13.72
C ASN A 234 -24.20 1.05 -12.87
N LEU A 235 -23.06 1.37 -13.49
CA LEU A 235 -21.93 2.00 -12.79
C LEU A 235 -21.82 3.45 -13.24
N HIS A 236 -21.72 4.33 -12.23
CA HIS A 236 -21.48 5.74 -12.45
C HIS A 236 -20.32 6.19 -11.57
N VAL A 237 -19.41 6.96 -12.18
CA VAL A 237 -18.19 7.38 -11.49
C VAL A 237 -18.10 8.90 -11.50
N LEU A 238 -18.06 9.49 -10.31
CA LEU A 238 -17.89 10.93 -10.14
C LEU A 238 -16.48 11.20 -9.62
N ILE A 239 -15.66 11.93 -10.39
CA ILE A 239 -14.32 12.28 -9.94
C ILE A 239 -14.26 13.75 -9.54
N GLU A 240 -13.10 14.16 -9.00
CA GLU A 240 -12.90 15.56 -8.62
C GLU A 240 -13.83 16.06 -7.53
N ASN A 241 -14.39 15.14 -6.72
CA ASN A 241 -15.30 15.48 -5.64
C ASN A 241 -14.88 14.76 -4.36
N THR A 242 -14.75 15.53 -3.27
CA THR A 242 -14.36 15.02 -1.97
C THR A 242 -15.59 14.82 -1.11
N VAL A 243 -15.74 13.63 -0.52
CA VAL A 243 -16.77 13.39 0.47
C VAL A 243 -16.42 14.14 1.75
N THR A 244 -17.34 15.01 2.20
CA THR A 244 -17.10 15.86 3.35
C THR A 244 -17.56 15.19 4.64
N ARG A 245 -18.62 14.39 4.57
CA ARG A 245 -19.13 13.66 5.72
C ARG A 245 -20.28 12.79 5.24
N LEU A 246 -20.69 11.88 6.12
CA LEU A 246 -21.89 11.09 5.95
C LEU A 246 -22.96 11.75 6.82
N ILE A 247 -24.18 11.73 6.32
CA ILE A 247 -25.30 12.34 6.99
C ILE A 247 -26.22 11.23 7.49
N GLN A 248 -26.62 11.35 8.75
CA GLN A 248 -27.38 10.33 9.43
C GLN A 248 -28.76 10.26 8.81
N THR A 249 -29.25 9.04 8.61
CA THR A 249 -30.57 8.79 8.07
C THR A 249 -31.34 7.93 9.08
N LYS A 250 -32.44 7.30 8.67
CA LYS A 250 -33.33 6.59 9.57
C LYS A 250 -32.65 5.41 10.25
N THR A 251 -33.07 5.12 11.49
CA THR A 251 -32.62 3.94 12.20
C THR A 251 -33.01 2.68 11.42
N THR A 252 -32.11 1.71 11.43
CA THR A 252 -32.32 0.44 10.73
C THR A 252 -31.80 -0.63 11.67
N ASN A 253 -32.70 -1.55 12.03
CA ASN A 253 -32.36 -2.65 12.89
C ASN A 253 -31.88 -2.12 14.24
N GLY A 254 -32.51 -1.04 14.71
CA GLY A 254 -32.17 -0.49 16.01
C GLY A 254 -30.82 0.24 16.05
N LEU A 255 -30.15 0.47 14.91
CA LEU A 255 -28.90 1.20 14.92
C LEU A 255 -29.01 2.40 14.01
N PRO A 256 -28.28 3.50 14.31
CA PRO A 256 -28.24 4.67 13.42
C PRO A 256 -27.61 4.25 12.09
N SER A 257 -28.08 4.88 11.01
CA SER A 257 -27.55 4.63 9.69
C SER A 257 -27.12 5.97 9.12
N PHE A 258 -26.20 5.91 8.15
CA PHE A 258 -25.63 7.07 7.52
C PHE A 258 -25.64 6.87 6.01
N MET A 259 -26.84 6.93 5.41
CA MET A 259 -27.00 6.49 4.03
C MET A 259 -26.88 7.67 3.08
N LYS A 260 -26.72 8.87 3.63
CA LYS A 260 -26.49 10.05 2.83
C LYS A 260 -25.01 10.41 2.84
N VAL A 261 -24.52 10.77 1.65
CA VAL A 261 -23.13 11.09 1.40
C VAL A 261 -23.09 12.52 0.85
N GLU A 262 -22.39 13.36 1.60
CA GLU A 262 -22.21 14.75 1.21
C GLU A 262 -20.84 14.93 0.58
N PHE A 263 -20.79 15.74 -0.48
CA PHE A 263 -19.52 15.95 -1.17
C PHE A 263 -19.51 17.31 -1.84
N ALA A 264 -18.30 17.71 -2.24
CA ALA A 264 -18.05 18.96 -2.92
C ALA A 264 -16.74 18.88 -3.72
N ARG A 265 -16.61 19.67 -4.79
CA ARG A 265 -15.37 19.76 -5.55
C ARG A 265 -14.21 20.29 -4.71
N ASP A 266 -14.50 21.26 -3.84
CA ASP A 266 -13.47 21.91 -3.03
C ASP A 266 -14.16 22.67 -1.91
N ALA A 267 -13.35 23.32 -1.07
CA ALA A 267 -13.86 23.91 0.15
C ALA A 267 -14.86 25.03 -0.12
N LEU A 268 -14.72 25.72 -1.25
CA LEU A 268 -15.58 26.86 -1.54
C LEU A 268 -16.83 26.45 -2.32
N SER A 269 -16.89 25.19 -2.74
CA SER A 269 -17.96 24.71 -3.62
C SER A 269 -19.20 24.33 -2.81
N ALA A 270 -20.38 24.51 -3.42
CA ALA A 270 -21.63 24.09 -2.81
C ALA A 270 -21.59 22.57 -2.61
N ARG A 271 -22.10 22.11 -1.47
CA ARG A 271 -22.14 20.70 -1.15
C ARG A 271 -23.36 20.07 -1.80
N SER A 272 -23.23 18.83 -2.24
CA SER A 272 -24.35 18.02 -2.70
C SER A 272 -24.46 16.75 -1.88
N VAL A 273 -25.62 16.12 -1.99
CA VAL A 273 -25.92 14.90 -1.25
C VAL A 273 -26.48 13.86 -2.22
N VAL A 274 -25.96 12.62 -2.11
CA VAL A 274 -26.58 11.47 -2.74
C VAL A 274 -26.91 10.45 -1.64
N THR A 275 -27.81 9.51 -1.96
CA THR A 275 -28.31 8.54 -1.00
C THR A 275 -28.09 7.11 -1.52
N ALA A 276 -27.71 6.21 -0.61
CA ALA A 276 -27.66 4.78 -0.90
C ALA A 276 -28.89 4.15 -0.30
N THR A 277 -29.46 3.14 -0.99
CA THR A 277 -30.56 2.38 -0.43
C THR A 277 -30.08 1.10 0.24
N LYS A 278 -28.85 0.63 -0.02
CA LYS A 278 -28.42 -0.62 0.59
C LYS A 278 -27.23 -0.38 1.51
N GLU A 279 -26.11 0.07 0.96
CA GLU A 279 -24.97 0.39 1.82
C GLU A 279 -24.13 1.53 1.25
N VAL A 280 -23.46 2.23 2.19
CA VAL A 280 -22.34 3.08 1.84
C VAL A 280 -21.08 2.27 2.18
N VAL A 281 -20.16 2.21 1.23
CA VAL A 281 -18.86 1.59 1.42
C VAL A 281 -17.81 2.69 1.40
N LEU A 282 -17.03 2.77 2.47
CA LEU A 282 -15.88 3.65 2.56
C LEU A 282 -14.62 2.91 2.12
N SER A 283 -14.00 3.43 1.05
CA SER A 283 -12.75 2.91 0.50
C SER A 283 -11.78 4.05 0.28
N ALA A 284 -11.82 5.03 1.20
CA ALA A 284 -11.04 6.24 1.07
C ALA A 284 -9.64 6.05 1.67
N GLY A 285 -9.29 4.83 2.06
CA GLY A 285 -7.93 4.55 2.50
C GLY A 285 -7.73 4.78 4.00
N SER A 286 -6.55 4.46 4.47
CA SER A 286 -6.23 4.48 5.89
C SER A 286 -6.20 5.89 6.49
N ILE A 287 -6.08 6.94 5.65
CA ILE A 287 -6.17 8.31 6.14
C ILE A 287 -7.56 8.89 5.87
N GLY A 288 -8.06 8.73 4.65
CA GLY A 288 -9.35 9.30 4.28
C GLY A 288 -10.54 8.71 5.04
N THR A 289 -10.56 7.39 5.24
CA THR A 289 -11.71 6.71 5.82
C THR A 289 -11.91 7.13 7.29
N PRO A 290 -10.89 7.09 8.16
CA PRO A 290 -11.09 7.63 9.51
C PRO A 290 -11.45 9.12 9.54
N GLN A 291 -10.97 9.91 8.58
CA GLN A 291 -11.30 11.33 8.59
C GLN A 291 -12.78 11.50 8.28
N ILE A 292 -13.30 10.78 7.28
CA ILE A 292 -14.73 10.80 7.02
C ILE A 292 -15.53 10.33 8.24
N LEU A 293 -15.14 9.23 8.86
CA LEU A 293 -15.87 8.69 10.00
C LEU A 293 -15.92 9.72 11.14
N MET A 294 -14.78 10.28 11.47
CA MET A 294 -14.69 11.27 12.54
C MET A 294 -15.57 12.49 12.24
N LEU A 295 -15.54 13.02 11.02
CA LEU A 295 -16.30 14.21 10.69
C LEU A 295 -17.79 13.91 10.68
N SER A 296 -18.14 12.63 10.55
CA SER A 296 -19.52 12.15 10.58
C SER A 296 -20.01 11.92 12.00
N GLY A 297 -19.12 12.09 12.99
CA GLY A 297 -19.42 11.90 14.40
C GLY A 297 -19.35 10.45 14.84
N ILE A 298 -18.58 9.63 14.10
CA ILE A 298 -18.32 8.24 14.42
C ILE A 298 -16.86 8.13 14.84
N GLY A 299 -16.60 7.95 16.13
CA GLY A 299 -15.22 7.95 16.60
C GLY A 299 -15.16 8.11 18.11
N ASP A 300 -13.99 8.51 18.60
CA ASP A 300 -13.78 8.66 20.03
C ASP A 300 -14.60 9.85 20.55
N ARG A 301 -15.56 9.56 21.41
CA ARG A 301 -16.52 10.58 21.84
C ARG A 301 -15.77 11.77 22.46
N GLU A 302 -14.82 11.48 23.38
CA GLU A 302 -14.16 12.54 24.14
C GLU A 302 -13.32 13.44 23.22
N GLU A 303 -12.50 12.81 22.38
CA GLU A 303 -11.62 13.52 21.48
C GLU A 303 -12.40 14.33 20.44
N LEU A 304 -13.46 13.76 19.88
CA LEU A 304 -14.20 14.45 18.83
C LEU A 304 -14.99 15.62 19.41
N THR A 305 -15.58 15.43 20.61
CA THR A 305 -16.29 16.51 21.28
C THR A 305 -15.36 17.69 21.49
N ALA A 306 -14.09 17.43 21.84
CA ALA A 306 -13.13 18.50 22.08
C ALA A 306 -12.87 19.31 20.81
N ILE A 307 -12.94 18.67 19.65
CA ILE A 307 -12.69 19.30 18.36
C ILE A 307 -13.94 20.04 17.90
N GLY A 308 -15.07 19.74 18.53
CA GLY A 308 -16.33 20.41 18.23
C GLY A 308 -17.18 19.60 17.25
N VAL A 309 -16.93 18.30 17.11
CA VAL A 309 -17.82 17.44 16.35
C VAL A 309 -18.95 16.98 17.25
N ASN A 310 -20.19 17.06 16.74
CA ASN A 310 -21.33 16.39 17.33
C ASN A 310 -21.17 14.89 17.11
N VAL A 311 -21.01 14.15 18.19
CA VAL A 311 -20.69 12.73 18.12
C VAL A 311 -21.99 11.94 18.21
N THR A 312 -22.12 10.95 17.33
CA THR A 312 -23.34 10.18 17.21
C THR A 312 -23.08 8.71 17.56
N VAL A 313 -21.90 8.19 17.25
CA VAL A 313 -21.58 6.83 17.61
C VAL A 313 -20.21 6.86 18.23
N ASP A 314 -20.13 6.42 19.48
CA ASP A 314 -18.87 6.30 20.18
C ASP A 314 -18.18 5.02 19.73
N ASN A 315 -17.16 5.21 18.88
CA ASN A 315 -16.43 4.11 18.30
C ASN A 315 -14.96 4.47 18.49
N PRO A 316 -14.37 4.15 19.65
CA PRO A 316 -13.06 4.71 20.00
C PRO A 316 -11.86 4.25 19.17
N ALA A 317 -12.01 3.21 18.35
CA ALA A 317 -10.90 2.69 17.56
C ALA A 317 -10.65 3.52 16.30
N VAL A 318 -11.61 4.39 15.93
CA VAL A 318 -11.50 5.15 14.69
C VAL A 318 -10.28 6.09 14.76
N GLY A 319 -9.33 5.88 13.82
CA GLY A 319 -8.11 6.66 13.72
C GLY A 319 -7.00 6.18 14.63
N LYS A 320 -7.28 5.18 15.46
CA LYS A 320 -6.25 4.63 16.32
C LYS A 320 -5.59 3.44 15.63
N HIS A 321 -4.52 2.95 16.24
CA HIS A 321 -3.81 1.77 15.78
C HIS A 321 -3.22 1.99 14.38
N LEU A 322 -2.85 3.22 14.04
CA LEU A 322 -2.18 3.47 12.78
C LEU A 322 -0.84 2.72 12.77
N LYS A 323 -0.63 1.89 11.74
CA LYS A 323 0.63 1.16 11.56
C LYS A 323 1.22 1.60 10.23
N ASP A 324 2.55 1.55 10.13
CA ASP A 324 3.21 1.87 8.87
C ASP A 324 4.56 1.16 8.91
N HIS A 325 5.21 1.07 7.75
CA HIS A 325 6.52 0.44 7.65
C HIS A 325 7.60 1.51 7.57
N PRO A 326 8.58 1.55 8.50
CA PRO A 326 9.74 2.44 8.38
C PRO A 326 10.74 1.83 7.40
N ILE A 327 11.41 2.71 6.64
CA ILE A 327 12.41 2.30 5.67
C ILE A 327 13.60 3.24 5.80
N MET A 328 14.83 2.69 5.62
CA MET A 328 15.99 3.54 5.44
C MET A 328 16.91 2.91 4.38
N ALA A 329 17.51 3.77 3.54
CA ALA A 329 18.32 3.28 2.44
C ALA A 329 19.75 2.98 2.93
N ASN A 330 20.33 1.91 2.37
CA ASN A 330 21.76 1.61 2.42
C ASN A 330 22.31 1.75 1.00
N TYR A 331 23.03 2.86 0.76
CA TYR A 331 23.51 3.16 -0.58
C TYR A 331 24.92 2.60 -0.74
N PHE A 332 25.18 2.08 -1.94
CA PHE A 332 26.49 1.56 -2.29
C PHE A 332 26.88 2.10 -3.65
N GLN A 333 28.12 2.58 -3.75
CA GLN A 333 28.66 2.91 -5.06
C GLN A 333 29.06 1.60 -5.72
N VAL A 334 28.78 1.50 -7.02
CA VAL A 334 29.00 0.26 -7.74
C VAL A 334 29.85 0.50 -8.97
N ASN A 335 30.60 -0.58 -9.33
CA ASN A 335 31.62 -0.60 -10.35
C ASN A 335 30.88 -1.07 -11.59
N SER A 336 29.98 -0.22 -12.08
CA SER A 336 29.05 -0.61 -13.10
C SER A 336 28.54 0.66 -13.77
N ASN A 337 28.22 0.54 -15.05
CA ASN A 337 27.55 1.60 -15.78
C ASN A 337 26.17 1.14 -16.23
N GLU A 338 25.58 0.12 -15.56
CA GLU A 338 24.31 -0.47 -15.96
C GLU A 338 23.18 -0.09 -14.98
N THR A 339 23.37 0.95 -14.15
CA THR A 339 22.34 1.35 -13.21
C THR A 339 21.38 2.30 -13.89
N TYR A 340 20.28 2.66 -13.22
CA TYR A 340 19.33 3.61 -13.76
C TYR A 340 19.55 5.06 -13.28
N ASP A 341 20.73 5.36 -12.75
CA ASP A 341 20.95 6.66 -12.13
C ASP A 341 20.90 7.80 -13.17
N ASP A 342 21.39 7.54 -14.38
CA ASP A 342 21.37 8.58 -15.42
C ASP A 342 19.96 8.95 -15.81
N ILE A 343 19.08 7.96 -15.82
CA ILE A 343 17.66 8.21 -16.09
C ILE A 343 17.05 9.14 -15.06
N PHE A 344 17.36 8.93 -13.78
CA PHE A 344 16.83 9.78 -12.72
C PHE A 344 17.37 11.20 -12.85
N ARG A 345 18.68 11.31 -13.09
CA ARG A 345 19.39 12.57 -13.05
C ARG A 345 19.20 13.42 -14.30
N ASP A 346 19.00 12.80 -15.47
CA ASP A 346 19.04 13.52 -16.74
C ASP A 346 17.71 13.38 -17.48
N ARG A 347 16.96 14.47 -17.56
CA ARG A 347 15.65 14.46 -18.16
C ARG A 347 15.71 14.09 -19.64
N ASP A 348 16.81 14.42 -20.32
CA ASP A 348 16.93 14.05 -21.73
C ASP A 348 17.06 12.54 -21.91
N VAL A 349 17.84 11.90 -21.03
CA VAL A 349 17.98 10.46 -20.97
C VAL A 349 16.61 9.81 -20.72
N SER A 350 15.92 10.23 -19.65
CA SER A 350 14.57 9.76 -19.36
C SER A 350 13.66 9.91 -20.58
N ASN A 351 13.65 11.08 -21.20
CA ASN A 351 12.77 11.34 -22.34
C ASN A 351 13.05 10.45 -23.52
N THR A 352 14.30 10.09 -23.73
CA THR A 352 14.68 9.24 -24.85
C THR A 352 14.19 7.81 -24.61
N PHE A 353 14.33 7.32 -23.37
CA PHE A 353 13.80 6.01 -23.04
C PHE A 353 12.26 6.04 -23.01
N LEU A 354 11.65 7.18 -22.67
CA LEU A 354 10.20 7.33 -22.79
C LEU A 354 9.74 7.19 -24.25
N ALA A 355 10.50 7.80 -25.17
CA ALA A 355 10.18 7.71 -26.57
C ALA A 355 10.24 6.25 -27.01
N GLN A 356 11.25 5.50 -26.56
CA GLN A 356 11.32 4.09 -26.89
C GLN A 356 10.08 3.34 -26.40
N TRP A 357 9.67 3.60 -25.14
CA TRP A 357 8.48 3.03 -24.55
C TRP A 357 7.23 3.37 -25.37
N LYS A 358 7.09 4.62 -25.78
CA LYS A 358 5.91 5.01 -26.54
C LYS A 358 5.92 4.32 -27.90
N GLN A 359 7.09 4.03 -28.43
CA GLN A 359 7.24 3.40 -29.74
C GLN A 359 6.90 1.91 -29.71
N ASN A 360 7.47 1.13 -28.78
CA ASN A 360 7.17 -0.30 -28.79
C ASN A 360 7.17 -0.91 -27.39
N ARG A 361 7.00 -0.09 -26.35
CA ARG A 361 6.79 -0.61 -24.99
C ARG A 361 7.96 -1.50 -24.56
N THR A 362 9.20 -1.08 -24.89
CA THR A 362 10.39 -1.76 -24.40
C THR A 362 11.33 -0.78 -23.69
N GLY A 363 12.34 -1.38 -23.07
CA GLY A 363 13.47 -0.67 -22.53
C GLY A 363 13.30 -0.35 -21.05
N PRO A 364 14.22 0.45 -20.47
CA PRO A 364 14.23 0.71 -19.02
C PRO A 364 12.90 1.22 -18.43
N MET A 365 12.07 1.85 -19.26
CA MET A 365 10.82 2.42 -18.75
C MET A 365 9.80 1.36 -18.34
N VAL A 366 10.07 0.08 -18.65
CA VAL A 366 9.15 -0.98 -18.26
C VAL A 366 9.50 -1.51 -16.86
N ALA A 367 10.62 -1.10 -16.29
CA ALA A 367 11.02 -1.57 -14.97
C ALA A 367 10.37 -0.81 -13.82
N SER A 368 10.04 -1.57 -12.76
CA SER A 368 9.69 -1.00 -11.48
C SER A 368 10.95 -0.51 -10.77
N PRO A 369 10.77 0.16 -9.60
CA PRO A 369 11.89 0.68 -8.80
C PRO A 369 12.66 -0.34 -7.97
N SER A 370 12.38 -1.64 -8.10
CA SER A 370 13.17 -2.59 -7.38
C SER A 370 13.34 -3.81 -8.27
N THR A 371 14.37 -4.61 -7.98
CA THR A 371 14.67 -5.80 -8.79
C THR A 371 14.34 -7.09 -8.04
N GLY A 372 14.52 -7.02 -6.73
CA GLY A 372 14.40 -8.20 -5.89
C GLY A 372 14.08 -7.80 -4.45
N LEU A 373 13.41 -8.70 -3.74
CA LEU A 373 12.94 -8.47 -2.39
C LEU A 373 13.39 -9.63 -1.54
N GLY A 374 13.96 -9.34 -0.36
CA GLY A 374 14.34 -10.39 0.55
C GLY A 374 13.68 -10.24 1.89
N PHE A 375 13.11 -11.32 2.41
CA PHE A 375 12.38 -11.31 3.67
C PHE A 375 13.09 -12.23 4.66
N PHE A 376 13.37 -11.71 5.87
CA PHE A 376 14.12 -12.43 6.88
C PHE A 376 13.54 -12.22 8.26
N ARG A 377 13.68 -13.27 9.08
CA ARG A 377 13.29 -13.23 10.47
C ARG A 377 14.51 -13.02 11.37
N LEU A 378 14.31 -12.30 12.47
CA LEU A 378 15.25 -12.41 13.57
C LEU A 378 15.28 -13.86 14.06
N PRO A 379 16.42 -14.37 14.55
CA PRO A 379 16.47 -15.73 15.11
C PRO A 379 15.40 -15.98 16.18
N ASP A 380 14.76 -17.16 16.16
CA ASP A 380 13.81 -17.53 17.22
C ASP A 380 14.47 -17.33 18.59
N ASN A 381 15.67 -17.86 18.77
CA ASN A 381 16.36 -17.76 20.05
C ASN A 381 16.96 -16.37 20.26
N ASP A 382 16.47 -15.33 19.56
CA ASP A 382 17.04 -13.99 19.68
C ASP A 382 16.54 -13.32 20.96
N THR A 383 17.41 -12.50 21.57
CA THR A 383 17.20 -11.90 22.89
C THR A 383 15.98 -10.99 22.97
N ILE A 384 15.69 -10.22 21.92
CA ILE A 384 14.63 -9.22 21.93
C ILE A 384 13.26 -9.85 22.22
N PHE A 385 13.10 -11.14 21.91
CA PHE A 385 11.81 -11.81 22.13
C PHE A 385 11.59 -12.23 23.59
N GLU A 386 12.54 -11.92 24.49
CA GLU A 386 12.28 -11.93 25.92
C GLU A 386 11.29 -10.84 26.32
N ARG A 387 11.38 -9.69 25.63
CA ARG A 387 10.72 -8.45 25.99
C ARG A 387 9.61 -8.09 24.99
N PHE A 388 9.59 -8.72 23.80
CA PHE A 388 8.59 -8.45 22.79
C PHE A 388 8.00 -9.74 22.25
N ALA A 389 6.68 -9.77 22.16
CA ALA A 389 5.97 -10.80 21.43
C ALA A 389 6.26 -10.63 19.95
N ASP A 390 6.20 -11.73 19.20
CA ASP A 390 6.44 -11.68 17.77
C ASP A 390 5.42 -10.77 17.09
N PRO A 391 5.84 -9.65 16.48
CA PRO A 391 4.89 -8.75 15.84
C PRO A 391 4.53 -9.17 14.41
N SER A 392 5.17 -10.24 13.93
CA SER A 392 4.95 -10.80 12.59
C SER A 392 3.85 -11.86 12.65
N PRO A 393 3.31 -12.27 11.48
CA PRO A 393 2.38 -13.41 11.40
C PRO A 393 2.97 -14.76 11.82
N GLY A 394 4.29 -14.88 11.84
CA GLY A 394 4.92 -16.15 12.16
C GLY A 394 5.52 -16.74 10.92
N GLU A 395 5.41 -18.08 10.79
CA GLU A 395 6.13 -18.83 9.79
C GLU A 395 5.83 -18.34 8.38
N GLY A 396 6.91 -18.19 7.62
CA GLY A 396 6.86 -17.76 6.23
C GLY A 396 6.83 -16.23 6.05
N ALA A 397 6.76 -15.47 7.14
CA ALA A 397 6.77 -14.01 7.10
C ALA A 397 8.03 -13.48 7.77
N GLY A 398 8.54 -12.35 7.29
CA GLY A 398 9.74 -11.77 7.86
C GLY A 398 9.44 -10.73 8.91
N HIS A 399 10.47 -10.36 9.68
CA HIS A 399 10.50 -9.13 10.44
C HIS A 399 11.11 -7.98 9.63
N ILE A 400 12.01 -8.34 8.72
CA ILE A 400 12.83 -7.43 7.94
C ILE A 400 12.60 -7.74 6.45
N GLU A 401 12.60 -6.69 5.63
CA GLU A 401 12.70 -6.79 4.19
C GLU A 401 13.88 -5.97 3.73
N LEU A 402 14.67 -6.56 2.82
CA LEU A 402 15.75 -5.89 2.12
C LEU A 402 15.30 -5.77 0.66
N ILE A 403 15.19 -4.54 0.18
CA ILE A 403 14.77 -4.27 -1.19
C ILE A 403 15.97 -3.84 -2.00
N LEU A 404 16.20 -4.50 -3.12
CA LEU A 404 17.31 -4.20 -4.00
C LEU A 404 16.80 -3.31 -5.11
N SER A 405 17.51 -2.20 -5.32
CA SER A 405 17.20 -1.24 -6.35
C SER A 405 18.44 -0.92 -7.18
N ASN A 406 18.25 -0.87 -8.51
CA ASN A 406 19.33 -0.73 -9.46
C ASN A 406 19.64 0.75 -9.69
N GLN A 407 19.62 1.55 -8.62
CA GLN A 407 19.99 2.96 -8.66
C GLN A 407 20.06 3.46 -7.21
N TRP A 408 20.48 4.73 -7.04
CA TRP A 408 20.26 5.47 -5.82
C TRP A 408 18.79 5.85 -5.76
N THR A 409 18.01 5.16 -4.92
CA THR A 409 16.60 5.50 -4.80
C THR A 409 16.53 6.76 -3.93
N PRO A 410 15.94 7.86 -4.40
CA PRO A 410 15.81 9.04 -3.55
C PRO A 410 14.86 8.73 -2.38
N GLU A 411 15.27 9.12 -1.18
CA GLU A 411 14.43 9.07 0.01
C GLU A 411 14.69 10.37 0.76
N VAL A 412 15.53 10.31 1.77
CA VAL A 412 15.96 11.51 2.47
C VAL A 412 16.97 12.23 1.57
N GLN A 413 17.89 11.46 1.00
CA GLN A 413 18.87 12.00 0.09
C GLN A 413 18.59 11.61 -1.36
N ILE A 414 19.01 12.48 -2.26
CA ILE A 414 18.95 12.21 -3.69
C ILE A 414 20.36 11.87 -4.18
N PRO A 415 20.45 11.24 -5.37
CA PRO A 415 21.75 10.81 -5.90
C PRO A 415 22.69 11.99 -6.10
N PRO A 416 23.97 11.77 -5.83
CA PRO A 416 25.04 12.66 -6.31
C PRO A 416 25.04 12.75 -7.84
N ALA A 417 25.63 13.83 -8.38
CA ALA A 417 25.56 14.09 -9.82
C ALA A 417 26.35 13.06 -10.60
N THR A 418 27.37 12.49 -9.95
CA THR A 418 28.29 11.56 -10.57
C THR A 418 28.23 10.22 -9.81
N GLY A 419 28.46 9.12 -10.54
CA GLY A 419 28.57 7.80 -9.96
C GLY A 419 27.33 6.95 -10.23
N SER A 420 27.51 5.65 -9.94
CA SER A 420 26.52 4.60 -10.14
C SER A 420 26.29 3.90 -8.82
N PHE A 421 25.03 3.55 -8.54
CA PHE A 421 24.66 3.12 -7.20
C PHE A 421 23.70 1.94 -7.22
N LEU A 422 23.76 1.20 -6.11
CA LEU A 422 22.81 0.19 -5.69
C LEU A 422 22.18 0.69 -4.41
N THR A 423 20.88 0.49 -4.23
CA THR A 423 20.31 0.75 -2.91
C THR A 423 19.84 -0.59 -2.37
N VAL A 424 20.18 -0.88 -1.11
CA VAL A 424 19.52 -1.94 -0.38
C VAL A 424 18.70 -1.27 0.73
N HIS A 425 17.38 -1.23 0.55
CA HIS A 425 16.52 -0.61 1.53
C HIS A 425 16.29 -1.57 2.68
N ALA A 426 16.43 -1.09 3.91
CA ALA A 426 16.11 -1.83 5.13
C ALA A 426 14.69 -1.45 5.58
N VAL A 427 13.77 -2.41 5.67
CA VAL A 427 12.40 -2.13 6.01
C VAL A 427 12.06 -2.99 7.23
N VAL A 428 11.41 -2.40 8.23
CA VAL A 428 10.83 -3.24 9.27
C VAL A 428 9.41 -3.57 8.84
N VAL A 429 9.21 -4.78 8.34
CA VAL A 429 7.88 -5.13 7.83
C VAL A 429 6.93 -5.63 8.92
N SER A 430 7.45 -5.95 10.12
N SER A 430 7.44 -5.95 10.12
CA SER A 430 6.62 -6.33 11.25
CA SER A 430 6.56 -6.30 11.22
C SER A 430 6.85 -5.36 12.40
C SER A 430 6.84 -5.36 12.39
N PRO A 431 6.47 -4.06 12.26
CA PRO A 431 6.74 -3.09 13.31
C PRO A 431 5.81 -3.27 14.52
N ALA A 432 6.32 -2.88 15.68
CA ALA A 432 5.57 -2.89 16.91
C ALA A 432 4.99 -1.49 17.17
N SER A 433 5.55 -0.43 16.55
CA SER A 433 5.10 0.92 16.82
C SER A 433 3.67 1.11 16.31
N GLU A 434 2.91 2.01 16.93
CA GLU A 434 1.52 2.26 16.58
C GLU A 434 1.27 3.73 16.84
N GLY A 435 0.43 4.36 16.04
CA GLY A 435 0.14 5.77 16.19
C GLY A 435 -1.32 6.08 15.92
N THR A 436 -1.58 7.31 15.44
CA THR A 436 -2.93 7.82 15.26
C THR A 436 -3.06 8.71 14.02
N VAL A 437 -4.32 8.80 13.54
CA VAL A 437 -4.83 9.80 12.64
C VAL A 437 -5.94 10.53 13.38
N ARG A 438 -5.80 11.85 13.53
CA ARG A 438 -6.74 12.70 14.26
C ARG A 438 -7.13 13.90 13.41
N LEU A 439 -8.28 14.50 13.75
CA LEU A 439 -8.69 15.75 13.13
C LEU A 439 -7.93 16.91 13.74
N ASN A 440 -7.67 17.92 12.92
CA ASN A 440 -7.18 19.20 13.37
C ASN A 440 -8.37 20.13 13.59
N SER A 441 -9.46 19.85 12.88
CA SER A 441 -10.51 20.84 12.65
C SER A 441 -11.78 20.12 12.23
N THR A 442 -12.94 20.82 12.29
CA THR A 442 -14.18 20.27 11.74
C THR A 442 -14.28 20.61 10.26
N ASN A 443 -13.35 21.43 9.75
CA ASN A 443 -13.31 21.70 8.32
C ASN A 443 -12.93 20.41 7.59
N PRO A 444 -13.83 19.87 6.75
CA PRO A 444 -13.52 18.64 6.04
C PRO A 444 -12.34 18.76 5.08
N PHE A 445 -11.96 19.97 4.64
CA PHE A 445 -10.85 20.13 3.70
C PHE A 445 -9.54 20.42 4.43
N GLU A 446 -9.54 20.40 5.78
CA GLU A 446 -8.32 20.65 6.52
C GLU A 446 -7.56 19.34 6.54
N PHE A 447 -6.23 19.48 6.53
CA PHE A 447 -5.33 18.35 6.63
C PHE A 447 -5.59 17.62 7.94
N PRO A 448 -5.50 16.28 7.96
CA PRO A 448 -5.54 15.55 9.23
C PRO A 448 -4.21 15.63 9.96
N LEU A 449 -4.22 15.23 11.24
CA LEU A 449 -2.99 15.14 12.01
C LEU A 449 -2.48 13.70 11.99
N LEU A 450 -1.28 13.49 11.43
CA LEU A 450 -0.77 12.16 11.15
C LEU A 450 0.41 11.90 12.09
N ASP A 451 0.30 10.85 12.91
CA ASP A 451 1.36 10.54 13.85
C ASP A 451 1.60 9.04 13.87
N PRO A 452 2.38 8.47 12.92
CA PRO A 452 2.67 7.04 12.93
C PRO A 452 3.53 6.52 14.08
N GLN A 453 4.18 7.44 14.82
CA GLN A 453 5.15 7.10 15.85
C GLN A 453 6.25 6.19 15.29
N LEU A 454 6.79 6.58 14.13
CA LEU A 454 7.79 5.75 13.48
C LEU A 454 9.02 5.54 14.35
N LEU A 455 9.49 4.30 14.41
CA LEU A 455 10.64 3.86 15.19
C LEU A 455 10.50 4.20 16.68
N SER A 456 9.28 4.38 17.19
CA SER A 456 9.13 4.65 18.62
C SER A 456 9.40 3.39 19.44
N SER A 457 9.04 2.23 18.92
CA SER A 457 9.27 1.00 19.62
C SER A 457 10.75 0.63 19.54
N GLU A 458 11.32 0.21 20.69
CA GLU A 458 12.67 -0.34 20.70
C GLU A 458 12.80 -1.56 19.79
N PHE A 459 11.70 -2.29 19.57
CA PHE A 459 11.73 -3.45 18.69
C PHE A 459 12.10 -2.96 17.29
N ASP A 460 11.48 -1.85 16.87
CA ASP A 460 11.64 -1.35 15.50
C ASP A 460 13.03 -0.75 15.33
N GLN A 461 13.54 -0.07 16.36
CA GLN A 461 14.87 0.50 16.34
C GLN A 461 15.91 -0.61 16.18
N HIS A 462 15.81 -1.64 17.02
CA HIS A 462 16.72 -2.76 16.97
C HIS A 462 16.68 -3.41 15.58
N THR A 463 15.48 -3.62 15.06
CA THR A 463 15.30 -4.42 13.86
C THR A 463 15.80 -3.65 12.65
N ILE A 464 15.62 -2.33 12.60
CA ILE A 464 16.02 -1.62 11.39
C ILE A 464 17.55 -1.52 11.36
N ILE A 465 18.17 -1.46 12.54
CA ILE A 465 19.63 -1.42 12.60
C ILE A 465 20.18 -2.79 12.20
N HIS A 466 19.57 -3.86 12.73
CA HIS A 466 19.95 -5.19 12.35
C HIS A 466 19.83 -5.34 10.83
N ALA A 467 18.77 -4.79 10.25
CA ALA A 467 18.55 -4.92 8.83
C ALA A 467 19.65 -4.19 8.03
N ALA A 468 20.14 -3.06 8.51
CA ALA A 468 21.26 -2.39 7.86
C ALA A 468 22.52 -3.27 7.86
N ARG A 469 22.75 -3.99 8.95
CA ARG A 469 23.90 -4.89 9.03
C ARG A 469 23.70 -6.06 8.06
N LEU A 470 22.49 -6.53 7.94
CA LEU A 470 22.22 -7.61 7.01
C LEU A 470 22.45 -7.17 5.57
N ALA A 471 22.05 -5.93 5.25
CA ALA A 471 22.29 -5.41 3.92
C ALA A 471 23.78 -5.42 3.61
N ARG A 472 24.60 -4.96 4.56
CA ARG A 472 26.04 -4.91 4.36
C ARG A 472 26.59 -6.33 4.23
N GLN A 473 26.10 -7.29 5.05
CA GLN A 473 26.54 -8.67 4.92
C GLN A 473 26.12 -9.27 3.58
N PHE A 474 24.90 -8.99 3.12
CA PHE A 474 24.41 -9.55 1.88
C PHE A 474 25.36 -9.22 0.73
N VAL A 475 25.84 -7.98 0.65
CA VAL A 475 26.63 -7.59 -0.49
C VAL A 475 28.12 -7.88 -0.26
N SER A 476 28.47 -8.65 0.77
CA SER A 476 29.88 -8.95 1.04
C SER A 476 30.27 -10.30 0.43
N SER A 477 29.33 -11.05 -0.14
CA SER A 477 29.67 -12.35 -0.71
C SER A 477 30.32 -12.17 -2.07
N SER A 478 30.95 -13.23 -2.56
CA SER A 478 31.81 -13.09 -3.73
C SER A 478 31.05 -12.66 -5.00
N PRO A 479 29.78 -13.04 -5.28
CA PRO A 479 29.10 -12.50 -6.46
C PRO A 479 28.94 -10.98 -6.47
N TRP A 480 29.01 -10.38 -5.27
CA TRP A 480 28.91 -8.92 -5.16
C TRP A 480 30.28 -8.25 -5.11
N ALA A 481 31.37 -9.03 -5.05
CA ALA A 481 32.69 -8.49 -4.69
C ALA A 481 33.22 -7.53 -5.75
N ASP A 482 32.99 -7.83 -7.04
CA ASP A 482 33.51 -6.97 -8.08
C ASP A 482 32.56 -5.79 -8.35
N PHE A 483 31.32 -5.84 -7.83
CA PHE A 483 30.29 -4.88 -8.19
C PHE A 483 30.20 -3.75 -7.17
N VAL A 484 30.09 -4.11 -5.89
CA VAL A 484 30.01 -3.14 -4.83
C VAL A 484 31.41 -2.65 -4.53
N GLU A 485 31.58 -1.32 -4.55
CA GLU A 485 32.87 -0.69 -4.30
C GLU A 485 32.98 -0.07 -2.93
N SER A 486 31.93 0.59 -2.46
CA SER A 486 31.98 1.20 -1.14
C SER A 486 30.58 1.63 -0.73
N ARG A 487 30.43 1.96 0.55
CA ARG A 487 29.18 2.45 1.11
C ARG A 487 29.21 3.97 1.07
N THR A 488 28.04 4.58 1.02
CA THR A 488 27.96 6.03 1.05
C THR A 488 26.57 6.44 1.52
N GLY A 489 26.31 7.73 1.69
CA GLY A 489 25.04 8.20 2.22
C GLY A 489 25.02 8.11 3.74
N ILE A 490 23.93 8.56 4.34
CA ILE A 490 23.85 8.70 5.78
C ILE A 490 24.21 7.39 6.50
N ILE A 491 23.51 6.31 6.17
CA ILE A 491 23.74 5.05 6.86
C ILE A 491 25.10 4.50 6.45
N GLY A 492 25.33 4.43 5.14
CA GLY A 492 26.54 3.81 4.63
C GLY A 492 27.82 4.46 5.17
N ASP A 493 27.81 5.79 5.36
CA ASP A 493 29.00 6.45 5.89
C ASP A 493 29.22 6.13 7.38
N THR A 494 28.25 5.53 8.04
CA THR A 494 28.32 5.30 9.47
C THR A 494 29.03 3.97 9.73
N ASP A 495 29.87 3.94 10.77
CA ASP A 495 30.53 2.70 11.15
C ASP A 495 29.50 1.74 11.76
N ASP A 496 29.96 0.57 12.22
CA ASP A 496 29.07 -0.52 12.57
C ASP A 496 28.53 -0.42 14.00
N ASP A 497 28.98 0.56 14.77
CA ASP A 497 28.62 0.62 16.18
C ASP A 497 27.13 0.93 16.31
N GLU A 498 26.42 0.19 17.19
CA GLU A 498 24.99 0.31 17.42
C GLU A 498 24.54 1.76 17.68
N ALA A 499 25.18 2.50 18.60
CA ALA A 499 24.73 3.85 18.91
C ALA A 499 24.89 4.76 17.69
N ASP A 500 26.01 4.57 16.96
CA ASP A 500 26.28 5.34 15.74
C ASP A 500 25.19 5.05 14.70
N LEU A 501 24.82 3.78 14.54
CA LEU A 501 23.85 3.43 13.53
C LEU A 501 22.47 3.93 13.93
N LEU A 502 22.15 3.91 15.23
CA LEU A 502 20.87 4.38 15.69
C LEU A 502 20.75 5.87 15.42
N ALA A 503 21.81 6.62 15.73
CA ALA A 503 21.81 8.05 15.51
C ALA A 503 21.63 8.34 14.02
N ALA A 504 22.26 7.54 13.15
CA ALA A 504 22.10 7.68 11.71
C ALA A 504 20.67 7.30 11.28
N ALA A 505 20.11 6.22 11.86
CA ALA A 505 18.76 5.77 11.55
C ALA A 505 17.74 6.85 11.88
N ARG A 506 17.96 7.60 12.96
CA ARG A 506 17.02 8.66 13.31
C ARG A 506 16.96 9.75 12.23
N GLN A 507 18.03 9.88 11.43
CA GLN A 507 18.12 10.86 10.36
C GLN A 507 17.75 10.29 8.99
N ALA A 508 18.00 9.00 8.74
CA ALA A 508 17.80 8.42 7.43
C ALA A 508 16.42 7.77 7.28
N THR A 509 15.73 7.45 8.39
CA THR A 509 14.50 6.67 8.27
C THR A 509 13.32 7.54 7.83
N VAL A 510 12.48 6.99 6.97
CA VAL A 510 11.24 7.65 6.56
C VAL A 510 10.12 6.59 6.61
N THR A 511 8.92 6.99 6.20
CA THR A 511 7.83 6.05 6.01
C THR A 511 7.84 5.63 4.55
N ILE A 512 7.50 4.36 4.35
CA ILE A 512 7.35 3.78 3.04
C ILE A 512 5.98 4.13 2.48
N TRP A 513 5.10 4.73 3.29
CA TRP A 513 3.75 5.10 2.89
C TRP A 513 2.80 3.89 2.74
N HIS A 514 2.76 3.04 3.78
CA HIS A 514 1.84 1.93 3.91
C HIS A 514 0.99 2.14 5.17
N PRO A 515 0.34 3.31 5.35
CA PRO A 515 -0.48 3.52 6.53
C PRO A 515 -1.63 2.48 6.51
N MET A 516 -1.96 1.93 7.67
CA MET A 516 -2.86 0.80 7.78
C MET A 516 -3.53 0.76 9.13
N CYS A 517 -4.75 0.18 9.19
CA CYS A 517 -5.37 -0.36 10.40
C CYS A 517 -6.12 0.69 11.24
N THR A 518 -6.47 1.83 10.63
CA THR A 518 -7.09 2.95 11.32
C THR A 518 -8.62 2.83 11.47
N ALA A 519 -9.25 1.80 10.89
CA ALA A 519 -10.64 1.49 11.23
C ALA A 519 -10.81 -0.02 11.17
N ARG A 520 -10.02 -0.71 12.01
CA ARG A 520 -9.68 -2.10 11.75
C ARG A 520 -10.75 -3.07 12.24
N MET A 521 -10.77 -4.26 11.63
CA MET A 521 -11.66 -5.34 12.06
C MET A 521 -11.29 -5.83 13.47
N ALA A 522 -12.33 -6.09 14.25
CA ALA A 522 -12.20 -6.75 15.53
C ALA A 522 -13.45 -7.59 15.81
N PRO A 523 -13.38 -8.59 16.71
CA PRO A 523 -14.57 -9.37 17.09
C PRO A 523 -15.77 -8.53 17.54
N LYS A 524 -16.99 -8.99 17.28
CA LYS A 524 -18.18 -8.36 17.86
C LYS A 524 -17.96 -8.24 19.36
N GLY A 525 -18.25 -7.04 19.91
CA GLY A 525 -18.16 -6.81 21.34
C GLY A 525 -16.80 -6.26 21.77
N SER A 526 -15.81 -6.28 20.87
CA SER A 526 -14.51 -5.71 21.18
C SER A 526 -14.47 -4.26 20.72
N THR A 527 -13.82 -3.37 21.49
CA THR A 527 -13.58 -2.01 20.99
C THR A 527 -12.13 -1.87 20.50
N ASP A 528 -11.43 -3.00 20.30
CA ASP A 528 -10.08 -2.99 19.78
C ASP A 528 -10.04 -2.60 18.30
N GLY A 529 -11.21 -2.55 17.66
CA GLY A 529 -11.28 -2.15 16.26
C GLY A 529 -12.58 -1.40 16.01
N ALA A 530 -12.72 -0.82 14.82
CA ALA A 530 -13.86 0.04 14.53
C ALA A 530 -14.98 -0.70 13.80
N ILE A 531 -14.63 -1.83 13.21
CA ILE A 531 -15.56 -2.56 12.37
C ILE A 531 -15.57 -4.04 12.78
N ASP A 532 -16.66 -4.73 12.46
CA ASP A 532 -16.80 -6.13 12.76
C ASP A 532 -16.08 -6.97 11.71
N PRO A 533 -15.96 -8.29 11.92
CA PRO A 533 -15.28 -9.16 10.95
C PRO A 533 -15.91 -9.24 9.58
N ASP A 534 -17.14 -8.74 9.46
CA ASP A 534 -17.79 -8.64 8.16
C ASP A 534 -17.58 -7.27 7.50
N LEU A 535 -16.75 -6.42 8.12
CA LEU A 535 -16.32 -5.10 7.63
C LEU A 535 -17.35 -4.01 7.92
N LEU A 536 -18.46 -4.36 8.58
CA LEU A 536 -19.47 -3.35 8.89
C LEU A 536 -19.09 -2.59 10.16
N VAL A 537 -19.24 -1.26 10.08
CA VAL A 537 -18.87 -0.38 11.17
C VAL A 537 -19.69 -0.71 12.42
N LYS A 538 -19.00 -0.73 13.56
CA LYS A 538 -19.61 -1.03 14.84
C LYS A 538 -20.51 0.12 15.26
N GLY A 539 -21.74 -0.22 15.66
CA GLY A 539 -22.67 0.77 16.17
C GLY A 539 -23.54 1.40 15.09
N VAL A 540 -23.37 0.98 13.82
CA VAL A 540 -24.00 1.59 12.67
C VAL A 540 -24.63 0.50 11.79
N SER A 541 -25.74 0.81 11.15
CA SER A 541 -26.31 -0.04 10.12
C SER A 541 -26.01 0.55 8.72
N GLY A 542 -25.64 -0.30 7.75
CA GLY A 542 -25.55 0.13 6.35
C GLY A 542 -24.23 0.78 5.95
N LEU A 543 -23.17 0.63 6.74
CA LEU A 543 -21.90 1.28 6.48
C LEU A 543 -20.77 0.27 6.59
N ARG A 544 -19.99 0.14 5.54
CA ARG A 544 -18.95 -0.87 5.49
C ARG A 544 -17.65 -0.18 5.12
N VAL A 545 -16.52 -0.69 5.61
CA VAL A 545 -15.22 -0.14 5.32
C VAL A 545 -14.43 -1.22 4.59
N ILE A 546 -14.03 -0.92 3.36
CA ILE A 546 -13.22 -1.83 2.58
C ILE A 546 -12.05 -1.06 1.99
N ASP A 547 -10.89 -1.19 2.65
CA ASP A 547 -9.66 -0.51 2.25
C ASP A 547 -8.62 -0.87 3.31
N GLY A 548 -7.47 -0.21 3.22
CA GLY A 548 -6.37 -0.42 4.14
C GLY A 548 -6.71 -0.17 5.61
N ALA A 549 -7.74 0.66 5.86
CA ALA A 549 -8.16 0.94 7.25
C ALA A 549 -8.68 -0.29 7.97
N ALA A 550 -9.22 -1.24 7.21
CA ALA A 550 -9.88 -2.43 7.74
C ALA A 550 -8.93 -3.50 8.24
N LEU A 551 -7.70 -3.56 7.73
CA LEU A 551 -6.84 -4.68 8.08
C LEU A 551 -6.54 -4.65 9.58
N PRO A 552 -6.63 -5.79 10.28
CA PRO A 552 -6.37 -5.82 11.74
C PRO A 552 -4.90 -5.81 12.17
N ALA A 553 -4.01 -6.05 11.22
CA ALA A 553 -2.57 -6.02 11.42
C ALA A 553 -1.98 -5.48 10.12
N ILE A 554 -0.81 -4.84 10.17
CA ILE A 554 -0.21 -4.41 8.92
C ILE A 554 0.43 -5.63 8.25
N PRO A 555 0.25 -5.83 6.93
CA PRO A 555 0.93 -6.95 6.26
C PRO A 555 2.44 -6.89 6.49
N ALA A 556 3.08 -8.08 6.54
CA ALA A 556 4.53 -8.14 6.70
C ALA A 556 5.22 -8.02 5.34
N THR A 557 4.72 -7.09 4.52
CA THR A 557 5.14 -6.93 3.14
C THR A 557 4.34 -5.80 2.52
N HIS A 558 4.67 -5.50 1.25
CA HIS A 558 3.95 -4.56 0.42
C HIS A 558 2.46 -4.87 0.48
N PRO A 559 1.60 -3.93 0.91
CA PRO A 559 0.20 -4.24 1.22
C PRO A 559 -0.88 -4.24 0.13
N MET A 560 -0.55 -3.76 -1.08
CA MET A 560 -1.52 -3.63 -2.14
C MET A 560 -2.24 -4.96 -2.36
N ALA A 561 -1.51 -6.08 -2.37
CA ALA A 561 -2.15 -7.36 -2.65
C ALA A 561 -3.14 -7.77 -1.54
N ALA A 562 -2.75 -7.59 -0.27
CA ALA A 562 -3.64 -7.98 0.82
C ALA A 562 -4.89 -7.08 0.78
N ILE A 563 -4.70 -5.81 0.40
CA ILE A 563 -5.87 -4.93 0.28
C ILE A 563 -6.78 -5.40 -0.86
N TYR A 564 -6.17 -5.76 -2.00
CA TYR A 564 -6.96 -6.33 -3.08
C TYR A 564 -7.78 -7.51 -2.58
N LEU A 565 -7.15 -8.45 -1.87
CA LEU A 565 -7.84 -9.68 -1.41
C LEU A 565 -8.95 -9.36 -0.40
N LEU A 566 -8.68 -8.44 0.52
CA LEU A 566 -9.72 -7.97 1.42
C LEU A 566 -10.89 -7.42 0.64
N ALA A 567 -10.63 -6.63 -0.41
CA ALA A 567 -11.71 -6.06 -1.22
C ALA A 567 -12.44 -7.16 -2.00
N GLU A 568 -11.71 -8.15 -2.50
CA GLU A 568 -12.35 -9.27 -3.20
C GLU A 568 -13.35 -9.99 -2.29
N ARG A 569 -12.94 -10.28 -1.05
CA ARG A 569 -13.85 -10.99 -0.16
C ARG A 569 -14.97 -10.08 0.30
N GLY A 570 -14.65 -8.82 0.61
CA GLY A 570 -15.65 -7.86 1.03
C GLY A 570 -16.76 -7.72 0.00
N SER A 571 -16.37 -7.69 -1.28
CA SER A 571 -17.32 -7.64 -2.36
C SER A 571 -18.28 -8.83 -2.30
N ASP A 572 -17.75 -10.03 -2.08
CA ASP A 572 -18.58 -11.20 -1.97
C ASP A 572 -19.48 -11.18 -0.73
N LEU A 573 -19.00 -10.60 0.38
CA LEU A 573 -19.78 -10.49 1.60
C LEU A 573 -21.00 -9.59 1.36
N ILE A 574 -20.83 -8.52 0.58
CA ILE A 574 -21.92 -7.64 0.22
C ILE A 574 -22.90 -8.42 -0.66
N LYS A 575 -22.38 -9.13 -1.68
CA LYS A 575 -23.24 -9.88 -2.58
C LYS A 575 -24.06 -10.94 -1.81
N GLN A 576 -23.44 -11.58 -0.82
CA GLN A 576 -24.10 -12.60 -0.03
C GLN A 576 -25.20 -12.01 0.85
N LYS A 577 -24.90 -10.89 1.51
CA LYS A 577 -25.86 -10.29 2.42
C LYS A 577 -27.10 -9.87 1.67
N TRP A 578 -26.91 -9.22 0.49
CA TRP A 578 -28.01 -8.60 -0.21
C TRP A 578 -28.60 -9.52 -1.28
N LYS A 579 -28.03 -10.74 -1.40
CA LYS A 579 -28.50 -11.78 -2.31
C LYS A 579 -28.51 -11.24 -3.74
N LEU A 580 -27.39 -10.66 -4.13
CA LEU A 580 -27.26 -10.07 -5.46
C LEU A 580 -27.05 -11.18 -6.54
PA FAD B . -5.97 4.17 -1.91
O1A FAD B . -5.63 3.33 -3.09
O2A FAD B . -5.07 5.28 -1.54
O5B FAD B . -7.43 4.68 -2.31
C5B FAD B . -8.07 5.74 -1.61
C4B FAD B . -8.84 6.56 -2.59
O4B FAD B . -9.86 7.36 -1.94
C3B FAD B . -7.94 7.52 -3.38
O3B FAD B . -8.28 7.37 -4.77
C2B FAD B . -8.26 8.86 -2.72
O2B FAD B . -8.06 9.97 -3.56
C1B FAD B . -9.73 8.71 -2.39
N9A FAD B . -10.20 9.56 -1.32
C8A FAD B . -9.63 9.78 -0.09
N7A FAD B . -10.33 10.58 0.70
C5A FAD B . -11.47 10.87 -0.06
C6A FAD B . -12.61 11.65 0.20
N6A FAD B . -12.82 12.29 1.35
N1A FAD B . -13.56 11.73 -0.77
C2A FAD B . -13.34 11.08 -1.92
N3A FAD B . -12.31 10.31 -2.28
C4A FAD B . -11.40 10.24 -1.30
N1 FAD B . 2.08 -1.16 -1.86
C2 FAD B . 2.44 -2.32 -2.49
O2 FAD B . 1.95 -3.40 -2.20
N3 FAD B . 3.48 -2.27 -3.41
C4 FAD B . 4.29 -1.17 -3.69
O4 FAD B . 5.11 -1.23 -4.59
C4X FAD B . 3.83 0.04 -3.09
N5 FAD B . 4.50 1.18 -3.36
C5X FAD B . 3.94 2.34 -2.91
C6 FAD B . 4.50 3.58 -3.32
C7 FAD B . 3.89 4.77 -3.00
C7M FAD B . 4.43 6.08 -3.56
C8 FAD B . 2.69 4.75 -2.26
C8M FAD B . 1.99 6.04 -1.93
C9 FAD B . 2.23 3.58 -1.73
C9A FAD B . 2.78 2.35 -2.10
N10 FAD B . 2.24 1.14 -1.66
C10 FAD B . 2.71 -0.06 -2.19
C1' FAD B . 1.07 1.05 -0.77
C2' FAD B . -0.27 0.74 -1.43
O2' FAD B . -0.22 1.39 -2.70
C3' FAD B . -1.38 1.21 -0.49
O3' FAD B . -1.24 0.62 0.82
C4' FAD B . -2.75 0.82 -1.08
O4' FAD B . -2.80 1.05 -2.50
C5' FAD B . -3.89 1.60 -0.42
O5' FAD B . -5.14 1.05 -0.89
P FAD B . -6.50 1.73 -0.39
O1P FAD B . -6.61 1.54 1.09
O2P FAD B . -7.55 1.27 -1.31
O3P FAD B . -6.24 3.27 -0.62
C8 ANN C . 12.49 1.16 -3.84
O3 ANN C . 11.66 -0.03 -3.96
C5 ANN C . 10.50 -0.02 -3.28
C6 ANN C . 9.51 -0.92 -3.71
C7 ANN C . 8.27 -0.95 -3.06
C2 ANN C . 8.06 -0.05 -1.99
C3 ANN C . 9.06 0.81 -1.59
C4 ANN C . 10.31 0.84 -2.19
C1 ANN C . 6.81 -0.01 -1.33
O1 ANN C . 6.09 -1.04 -1.22
O2 ANN C . 6.38 1.08 -0.91
C1 GOL D . 23.41 15.07 -4.45
O1 GOL D . 24.59 14.78 -3.70
C2 GOL D . 22.61 16.21 -3.85
O2 GOL D . 22.98 17.41 -4.53
C3 GOL D . 22.77 16.36 -2.34
O3 GOL D . 23.03 17.70 -1.95
C1 GOL E . 2.91 19.83 8.36
O1 GOL E . 2.28 18.58 8.07
C2 GOL E . 3.00 20.08 9.85
O2 GOL E . 4.12 19.36 10.38
C3 GOL E . 1.73 19.79 10.62
O3 GOL E . 1.66 18.47 11.16
C1 GOL F . -14.61 -6.72 -12.77
O1 GOL F . -16.04 -6.67 -12.83
C2 GOL F . -13.99 -7.45 -13.93
O2 GOL F . -14.76 -7.35 -15.12
C3 GOL F . -12.58 -6.98 -14.21
O3 GOL F . -11.80 -8.08 -14.69
C1 GOL G . 2.30 13.63 -17.33
O1 GOL G . 3.16 12.59 -16.85
C2 GOL G . 2.83 14.33 -18.56
O2 GOL G . 4.19 14.00 -18.79
C3 GOL G . 2.03 14.00 -19.79
O3 GOL G . 1.47 12.70 -19.68
C1 GOL H . 13.14 3.33 -12.27
O1 GOL H . 12.99 1.96 -12.59
C2 GOL H . 13.57 4.22 -13.43
O2 GOL H . 14.42 5.28 -12.95
C3 GOL H . 14.22 3.45 -14.55
O3 GOL H . 13.31 3.19 -15.60
S SO4 I . 33.68 4.66 -9.99
O1 SO4 I . 33.76 5.02 -11.38
O2 SO4 I . 32.76 5.55 -9.32
O3 SO4 I . 33.20 3.30 -9.86
O4 SO4 I . 34.99 4.77 -9.38
S SO4 J . -17.04 -16.63 2.20
O1 SO4 J . -17.95 -16.56 1.09
O2 SO4 J . -17.65 -15.98 3.34
O3 SO4 J . -16.76 -18.00 2.56
O4 SO4 J . -15.80 -15.93 1.83
S SO4 K . -1.36 9.00 21.60
O1 SO4 K . -0.84 10.20 21.00
O2 SO4 K . -2.79 9.12 21.70
O3 SO4 K . -1.03 7.86 20.77
O4 SO4 K . -0.81 8.83 22.90
S SO4 L . 13.28 17.65 -14.46
O1 SO4 L . 11.85 17.49 -14.37
O2 SO4 L . 13.73 18.54 -13.42
O3 SO4 L . 13.93 16.38 -14.30
O4 SO4 L . 13.61 18.22 -15.75
S SO4 M . 32.50 -0.60 9.46
O1 SO4 M . 33.16 0.57 8.92
O2 SO4 M . 32.62 -0.58 10.90
O3 SO4 M . 31.10 -0.55 9.10
O4 SO4 M . 33.07 -1.80 8.91
S SO4 N . 31.69 -16.22 -0.46
O1 SO4 N . 30.95 -15.63 -1.53
O2 SO4 N . 31.46 -15.48 0.76
O3 SO4 N . 31.28 -17.58 -0.29
O4 SO4 N . 33.10 -16.18 -0.78
#